data_5EMQ
#
_entry.id   5EMQ
#
_cell.length_a   39.032
_cell.length_b   100.384
_cell.length_c   111.897
_cell.angle_alpha   90.000
_cell.angle_beta   90.000
_cell.angle_gamma   90.000
#
_symmetry.space_group_name_H-M   'P 21 21 21'
#
loop_
_entity.id
_entity.type
_entity.pdbx_description
1 polymer "DNA (5'-D(*CP*CP*AP*GP*AP*AP*CP*AP*TP*GP*AP*TP*GP*TP*TP*CP*TP*G)-3')"
2 polymer "DNA (5'-D(*CP*CP*AP*GP*AP*AP*CP*AP*TP*CP*AP*TP*GP*TP*TP*CP*TP*G)-3')"
3 polymer 'Glucocorticoid receptor'
4 non-polymer 'ZINC ION'
5 water water
#
loop_
_entity_poly.entity_id
_entity_poly.type
_entity_poly.pdbx_seq_one_letter_code
_entity_poly.pdbx_strand_id
1 'polydeoxyribonucleotide' (DC)(DC)(DA)(DG)(DA)(DA)(DC)(DA)(DT)(DG)(DA)(DT)(DG)(DT)(DT)(DC)(DT)(DG) C
2 'polydeoxyribonucleotide' (DC)(DC)(DA)(DG)(DA)(DA)(DC)(DA)(DT)(DC)(DA)(DT)(DG)(DT)(DT)(DC)(DT)(DG) D
3 'polypeptide(L)'
;GSHMTATTGPPPKLCLVCSDEASGCHYGVLTCGSCKVFFKRAVEGQHNYLCAGRNDCIIDKIRRKNCPACRYRKCLQAGM
NLEARKTKKKIKGI
;
A,B
#
# COMPACT_ATOMS: atom_id res chain seq x y z
N LYS C 13 -18.68 16.09 -9.20
CA LYS C 13 -19.11 14.95 -8.43
C LYS C 13 -17.99 13.97 -8.09
N LEU C 14 -16.98 13.83 -8.93
CA LEU C 14 -16.00 12.80 -8.66
C LEU C 14 -14.64 13.36 -8.26
N CYS C 15 -14.01 12.85 -7.20
CA CYS C 15 -12.65 13.31 -6.93
C CYS C 15 -11.73 13.11 -8.14
N LEU C 16 -10.97 14.13 -8.51
CA LEU C 16 -10.06 14.05 -9.66
C LEU C 16 -8.77 13.31 -9.32
N VAL C 17 -8.63 12.88 -8.08
CA VAL C 17 -7.43 12.14 -7.70
C VAL C 17 -7.73 10.66 -7.52
N CYS C 18 -8.85 10.32 -6.88
CA CYS C 18 -9.15 8.92 -6.59
C CYS C 18 -10.50 8.45 -7.13
N SER C 19 -11.30 9.39 -7.65
CA SER C 19 -12.60 9.12 -8.28
C SER C 19 -13.70 8.73 -7.31
N ASP C 20 -13.42 8.83 -6.01
CA ASP C 20 -14.46 8.77 -4.99
C ASP C 20 -15.37 10.01 -5.10
N GLU C 21 -16.53 9.96 -4.45
CA GLU C 21 -17.45 11.09 -4.45
C GLU C 21 -16.76 12.34 -3.88
N ALA C 22 -16.61 13.37 -4.70
CA ALA C 22 -15.94 14.59 -4.27
C ALA C 22 -16.82 15.35 -3.26
N SER C 23 -16.21 16.28 -2.53
CA SER C 23 -16.92 16.98 -1.46
C SER C 23 -16.96 18.49 -1.71
N GLY C 24 -15.96 19.02 -2.40
CA GLY C 24 -15.90 20.44 -2.70
C GLY C 24 -14.58 20.77 -3.37
N CYS C 25 -14.38 22.02 -3.77
CA CYS C 25 -13.13 22.43 -4.39
C CYS C 25 -12.06 22.60 -3.29
N HIS C 26 -11.07 21.71 -3.25
CA HIS C 26 -10.06 21.74 -2.20
C HIS C 26 -8.64 21.88 -2.74
N TYR C 27 -7.92 22.88 -2.23
CA TYR C 27 -6.56 23.19 -2.67
C TYR C 27 -6.50 23.37 -4.17
N GLY C 28 -7.55 23.99 -4.70
CA GLY C 28 -7.63 24.37 -6.09
C GLY C 28 -8.33 23.35 -6.96
N VAL C 29 -8.70 22.24 -6.35
CA VAL C 29 -9.08 21.07 -7.12
C VAL C 29 -10.31 20.40 -6.53
N LEU C 30 -11.20 19.95 -7.40
CA LEU C 30 -12.32 19.10 -7.03
C LEU C 30 -11.87 17.73 -6.45
N THR C 31 -11.89 17.60 -5.12
CA THR C 31 -11.45 16.36 -4.50
C THR C 31 -12.40 15.85 -3.41
N CYS C 32 -12.13 14.65 -2.93
CA CYS C 32 -12.83 14.13 -1.77
C CYS C 32 -12.19 14.64 -0.49
N GLY C 33 -12.85 14.43 0.64
CA GLY C 33 -12.30 14.82 1.92
C GLY C 33 -11.01 14.10 2.28
N SER C 34 -10.97 12.79 2.04
CA SER C 34 -9.79 12.02 2.41
C SER C 34 -8.60 12.51 1.61
N CYS C 35 -8.80 12.81 0.32
CA CYS C 35 -7.70 13.34 -0.47
C CYS C 35 -7.30 14.76 -0.05
N LYS C 36 -8.25 15.53 0.48
CA LYS C 36 -7.93 16.86 0.95
C LYS C 36 -6.90 16.79 2.07
N VAL C 37 -7.18 15.99 3.08
CA VAL C 37 -6.34 15.96 4.27
C VAL C 37 -5.08 15.12 4.01
N PHE C 38 -5.15 14.19 3.07
CA PHE C 38 -3.92 13.50 2.69
C PHE C 38 -2.92 14.49 2.10
N PHE C 39 -3.39 15.27 1.14
CA PHE C 39 -2.52 16.22 0.43
C PHE C 39 -1.90 17.24 1.38
N LYS C 40 -2.67 17.68 2.37
CA LYS C 40 -2.16 18.65 3.33
C LYS C 40 -1.06 18.02 4.19
N ARG C 41 -1.24 16.75 4.55
CA ARG C 41 -0.28 16.09 5.44
C ARG C 41 0.97 15.72 4.64
N ALA C 42 0.79 15.35 3.38
CA ALA C 42 1.94 15.07 2.53
C ALA C 42 2.85 16.30 2.42
N VAL C 43 2.31 17.41 1.91
CA VAL C 43 3.05 18.65 1.74
C VAL C 43 3.71 19.18 3.02
N GLU C 44 2.97 19.20 4.12
CA GLU C 44 3.48 19.73 5.39
C GLU C 44 4.14 18.65 6.26
N GLY C 45 4.58 17.56 5.65
CA GLY C 45 5.19 16.50 6.41
C GLY C 45 6.52 16.06 5.84
N GLN C 46 7.27 15.31 6.64
CA GLN C 46 8.54 14.74 6.21
C GLN C 46 8.30 13.88 4.98
N HIS C 47 8.07 12.58 5.23
CA HIS C 47 7.52 11.68 4.22
C HIS C 47 8.40 11.51 2.99
N ASN C 48 9.15 10.41 2.97
CA ASN C 48 9.96 10.08 1.82
C ASN C 48 9.31 8.97 0.97
N TYR C 49 7.97 8.96 0.95
CA TYR C 49 7.14 8.01 0.17
C TYR C 49 7.85 7.24 -0.94
N LEU C 50 7.81 5.91 -0.85
CA LEU C 50 8.45 5.11 -1.87
C LEU C 50 7.44 4.20 -2.56
N CYS C 51 7.37 4.28 -3.89
CA CYS C 51 6.46 3.42 -4.65
C CYS C 51 6.98 1.99 -4.66
N ALA C 52 6.09 1.00 -4.57
CA ALA C 52 6.51 -0.40 -4.63
C ALA C 52 6.42 -0.92 -6.06
N GLY C 53 5.95 -0.04 -6.97
CA GLY C 53 5.74 -0.40 -8.36
C GLY C 53 6.70 0.27 -9.31
N ARG C 54 6.13 1.03 -10.23
CA ARG C 54 6.89 1.71 -11.27
C ARG C 54 6.51 3.19 -11.33
N ASN C 55 6.06 3.74 -10.20
CA ASN C 55 5.64 5.15 -10.11
C ASN C 55 4.45 5.48 -11.03
N ASP C 56 3.56 4.51 -11.20
CA ASP C 56 2.35 4.71 -12.01
C ASP C 56 1.21 3.85 -11.49
N CYS C 57 1.05 3.81 -10.18
CA CYS C 57 -0.01 3.05 -9.57
C CYS C 57 -1.39 3.61 -9.90
N ILE C 58 -2.37 2.72 -9.91
CA ILE C 58 -3.79 3.10 -10.03
C ILE C 58 -4.26 3.73 -8.72
N ILE C 59 -4.85 4.93 -8.78
CA ILE C 59 -5.35 5.52 -7.55
C ILE C 59 -6.88 5.50 -7.51
N ASP C 60 -7.40 4.65 -6.62
CA ASP C 60 -8.82 4.34 -6.41
C ASP C 60 -9.30 4.80 -5.07
N LYS C 61 -10.62 4.79 -4.91
CA LYS C 61 -11.25 4.79 -3.59
C LYS C 61 -10.59 3.76 -2.66
N ILE C 62 -10.13 2.66 -3.22
CA ILE C 62 -9.51 1.63 -2.41
C ILE C 62 -7.99 1.64 -2.54
N ARG C 63 -7.49 1.58 -3.77
CA ARG C 63 -6.06 1.53 -4.04
C ARG C 63 -5.27 2.80 -3.65
N ARG C 64 -5.94 3.87 -3.26
CA ARG C 64 -5.24 5.09 -2.86
C ARG C 64 -4.47 4.91 -1.55
N LYS C 65 -4.88 3.92 -0.74
CA LYS C 65 -4.18 3.58 0.50
C LYS C 65 -2.81 2.97 0.22
N ASN C 66 -2.71 2.27 -0.90
CA ASN C 66 -1.54 1.46 -1.23
C ASN C 66 -0.28 2.27 -1.45
N CYS C 67 -0.41 3.33 -2.24
CA CYS C 67 0.76 4.08 -2.67
C CYS C 67 0.60 5.59 -2.49
N PRO C 68 1.02 6.08 -1.31
CA PRO C 68 1.07 7.51 -1.00
C PRO C 68 1.94 8.27 -1.99
N ALA C 69 3.03 7.65 -2.44
CA ALA C 69 3.91 8.30 -3.42
C ALA C 69 3.15 8.61 -4.70
N CYS C 70 2.35 7.67 -5.17
CA CYS C 70 1.59 7.87 -6.40
C CYS C 70 0.36 8.75 -6.16
N ARG C 71 -0.25 8.61 -4.99
CA ARG C 71 -1.38 9.45 -4.62
C ARG C 71 -0.97 10.90 -4.60
N TYR C 72 0.13 11.18 -3.90
CA TYR C 72 0.68 12.52 -3.81
C TYR C 72 1.06 13.07 -5.19
N ARG C 73 1.71 12.24 -6.00
CA ARG C 73 2.09 12.63 -7.35
C ARG C 73 0.85 13.02 -8.16
N LYS C 74 -0.21 12.21 -8.06
CA LYS C 74 -1.44 12.44 -8.80
C LYS C 74 -2.13 13.73 -8.29
N CYS C 75 -2.00 13.99 -7.00
CA CYS C 75 -2.51 15.24 -6.43
C CYS C 75 -1.90 16.44 -7.13
N LEU C 76 -0.58 16.43 -7.24
CA LEU C 76 0.16 17.53 -7.86
C LEU C 76 -0.25 17.70 -9.32
N GLN C 77 -0.26 16.60 -10.07
CA GLN C 77 -0.65 16.64 -11.48
C GLN C 77 -2.11 17.07 -11.67
N ALA C 78 -2.88 17.04 -10.61
CA ALA C 78 -4.26 17.52 -10.67
C ALA C 78 -4.32 19.03 -10.48
N GLY C 79 -3.23 19.61 -9.98
CA GLY C 79 -3.18 21.04 -9.72
C GLY C 79 -3.39 21.41 -8.27
N MET C 80 -3.32 20.42 -7.38
CA MET C 80 -3.49 20.67 -5.95
C MET C 80 -2.36 21.55 -5.47
N ASN C 81 -2.68 22.57 -4.68
CA ASN C 81 -1.69 23.56 -4.28
C ASN C 81 -2.03 24.22 -2.95
N LEU C 82 -1.02 24.73 -2.26
CA LEU C 82 -1.24 25.51 -1.03
C LEU C 82 -1.34 27.01 -1.34
N PRO D 12 22.25 -14.89 6.95
CA PRO D 12 21.07 -15.62 7.42
C PRO D 12 20.68 -15.25 8.86
N LYS D 13 19.40 -15.38 9.20
CA LYS D 13 18.39 -15.93 8.30
C LYS D 13 17.42 -14.85 7.79
N LEU D 14 16.90 -15.02 6.60
CA LEU D 14 16.04 -14.00 6.01
C LEU D 14 14.61 -14.47 5.78
N CYS D 15 13.68 -13.55 5.96
CA CYS D 15 12.27 -13.79 5.66
C CYS D 15 12.06 -14.06 4.17
N LEU D 16 11.39 -15.16 3.85
CA LEU D 16 11.20 -15.53 2.45
C LEU D 16 10.17 -14.65 1.78
N VAL D 17 9.44 -13.89 2.59
CA VAL D 17 8.42 -12.99 2.09
C VAL D 17 8.94 -11.57 1.82
N CYS D 18 9.69 -11.01 2.77
CA CYS D 18 10.06 -9.62 2.65
C CYS D 18 11.57 -9.37 2.78
N SER D 19 12.34 -10.44 3.00
CA SER D 19 13.81 -10.40 3.13
C SER D 19 14.34 -9.71 4.37
N ASP D 20 13.45 -9.33 5.27
CA ASP D 20 13.86 -8.84 6.59
C ASP D 20 14.46 -10.04 7.37
N GLU D 21 15.00 -9.79 8.55
CA GLU D 21 15.56 -10.87 9.36
C GLU D 21 14.43 -11.78 9.79
N ALA D 22 14.59 -13.08 9.53
CA ALA D 22 13.63 -14.07 9.98
C ALA D 22 13.74 -14.23 11.50
N SER D 23 12.61 -14.41 12.17
CA SER D 23 12.61 -14.62 13.62
C SER D 23 12.43 -16.10 13.95
N GLY D 24 12.01 -16.88 12.97
CA GLY D 24 11.87 -18.31 13.14
C GLY D 24 11.04 -18.91 12.03
N CYS D 25 10.75 -20.20 12.14
CA CYS D 25 9.90 -20.88 11.18
C CYS D 25 8.43 -20.72 11.57
N HIS D 26 7.70 -19.90 10.82
CA HIS D 26 6.30 -19.64 11.13
C HIS D 26 5.39 -20.07 10.02
N TYR D 27 4.30 -20.75 10.40
CA TYR D 27 3.33 -21.29 9.45
C TYR D 27 4.06 -22.02 8.32
N GLY D 28 5.13 -22.71 8.70
CA GLY D 28 5.86 -23.61 7.82
C GLY D 28 7.03 -23.00 7.07
N VAL D 29 7.24 -21.71 7.25
CA VAL D 29 8.20 -20.98 6.43
C VAL D 29 9.07 -20.07 7.29
N LEU D 30 10.34 -19.95 6.95
CA LEU D 30 11.19 -18.90 7.48
C LEU D 30 10.63 -17.49 7.22
N THR D 31 10.20 -16.81 8.27
CA THR D 31 9.65 -15.46 8.14
C THR D 31 10.03 -14.58 9.33
N CYS D 32 9.85 -13.27 9.16
CA CYS D 32 9.93 -12.33 10.25
C CYS D 32 8.59 -12.33 11.02
N GLY D 33 8.59 -11.75 12.22
CA GLY D 33 7.38 -11.67 13.03
C GLY D 33 6.25 -10.88 12.37
N SER D 34 6.58 -9.82 11.65
CA SER D 34 5.52 -9.01 11.08
C SER D 34 4.78 -9.79 9.99
N CYS D 35 5.52 -10.59 9.22
CA CYS D 35 4.89 -11.37 8.15
C CYS D 35 4.11 -12.52 8.73
N LYS D 36 4.60 -13.03 9.87
CA LYS D 36 3.92 -14.05 10.62
C LYS D 36 2.51 -13.60 10.96
N VAL D 37 2.38 -12.46 11.62
CA VAL D 37 1.05 -12.01 12.06
C VAL D 37 0.25 -11.51 10.87
N PHE D 38 0.93 -10.95 9.86
CA PHE D 38 0.23 -10.48 8.67
C PHE D 38 -0.51 -11.66 8.03
N PHE D 39 0.21 -12.77 7.84
CA PHE D 39 -0.38 -13.92 7.17
C PHE D 39 -1.61 -14.40 7.92
N LYS D 40 -1.40 -14.70 9.19
CA LYS D 40 -2.49 -15.16 10.05
C LYS D 40 -3.68 -14.22 9.97
N ARG D 41 -3.40 -12.93 10.07
CA ARG D 41 -4.45 -11.94 9.91
C ARG D 41 -5.13 -12.05 8.54
N ALA D 42 -4.36 -12.20 7.46
CA ALA D 42 -4.97 -12.28 6.13
C ALA D 42 -5.83 -13.52 5.91
N VAL D 43 -5.38 -14.68 6.39
CA VAL D 43 -6.10 -15.94 6.10
C VAL D 43 -7.32 -16.10 6.94
N GLU D 44 -7.51 -15.20 7.90
CA GLU D 44 -8.67 -15.23 8.77
C GLU D 44 -9.62 -14.10 8.41
N GLY D 45 -9.03 -12.99 8.00
CA GLY D 45 -9.73 -11.72 7.90
C GLY D 45 -10.79 -11.57 6.82
N GLN D 46 -11.13 -10.31 6.54
CA GLN D 46 -12.25 -9.97 5.65
C GLN D 46 -12.09 -10.61 4.26
N HIS D 47 -11.10 -10.32 3.43
CA HIS D 47 -10.31 -9.10 3.28
C HIS D 47 -10.58 -8.35 1.96
N ASN D 48 -10.48 -9.07 0.85
CA ASN D 48 -10.22 -8.55 -0.50
C ASN D 48 -9.21 -7.36 -0.58
N TYR D 49 -7.97 -7.70 -0.95
CA TYR D 49 -6.92 -6.71 -1.20
C TYR D 49 -6.79 -6.41 -2.68
N LEU D 50 -6.40 -5.18 -3.02
CA LEU D 50 -6.21 -4.83 -4.43
C LEU D 50 -4.83 -4.27 -4.71
N CYS D 51 -4.20 -4.82 -5.74
CA CYS D 51 -2.91 -4.31 -6.14
C CYS D 51 -3.16 -3.05 -6.98
N ALA D 52 -2.31 -2.04 -6.78
CA ALA D 52 -2.42 -0.78 -7.52
C ALA D 52 -1.43 -0.78 -8.68
N GLY D 53 -0.55 -1.78 -8.69
CA GLY D 53 0.45 -1.92 -9.73
C GLY D 53 0.14 -3.05 -10.69
N ARG D 54 1.12 -3.89 -10.97
CA ARG D 54 0.90 -4.99 -11.91
C ARG D 54 1.03 -6.38 -11.28
N ASN D 55 0.51 -6.53 -10.06
CA ASN D 55 0.58 -7.80 -9.34
C ASN D 55 2.00 -8.31 -9.15
N ASP D 56 2.97 -7.40 -9.09
CA ASP D 56 4.37 -7.78 -8.91
C ASP D 56 5.15 -6.73 -8.13
N CYS D 57 4.52 -6.14 -7.12
CA CYS D 57 5.13 -5.07 -6.34
C CYS D 57 6.36 -5.60 -5.58
N ILE D 58 7.31 -4.71 -5.32
CA ILE D 58 8.47 -5.04 -4.48
C ILE D 58 8.01 -5.11 -3.02
N ILE D 59 8.16 -6.30 -2.43
CA ILE D 59 7.82 -6.49 -1.02
C ILE D 59 9.11 -6.64 -0.22
N ASP D 60 9.55 -5.56 0.41
CA ASP D 60 10.68 -5.61 1.33
C ASP D 60 10.30 -4.86 2.61
N LYS D 61 11.24 -4.68 3.52
CA LYS D 61 10.96 -4.12 4.84
C LYS D 61 10.34 -2.73 4.68
N ILE D 62 10.90 -1.95 3.76
CA ILE D 62 10.37 -0.65 3.37
C ILE D 62 8.94 -0.74 2.84
N ARG D 63 8.75 -1.54 1.80
CA ARG D 63 7.57 -1.40 0.99
C ARG D 63 6.45 -2.38 1.31
N ARG D 64 6.71 -3.32 2.21
CA ARG D 64 5.73 -4.36 2.47
C ARG D 64 4.34 -3.85 2.93
N LYS D 65 4.28 -2.68 3.55
CA LYS D 65 2.99 -2.07 3.91
C LYS D 65 2.20 -1.60 2.70
N ASN D 66 2.86 -1.39 1.56
CA ASN D 66 2.20 -0.79 0.37
C ASN D 66 1.18 -1.71 -0.31
N CYS D 67 1.51 -3.00 -0.40
CA CYS D 67 0.63 -3.88 -1.15
C CYS D 67 0.39 -5.17 -0.42
N PRO D 68 -0.63 -5.18 0.46
CA PRO D 68 -1.14 -6.38 1.11
C PRO D 68 -1.37 -7.51 0.10
N ALA D 69 -1.99 -7.20 -1.04
CA ALA D 69 -2.31 -8.21 -2.04
C ALA D 69 -1.04 -8.95 -2.49
N CYS D 70 0.01 -8.21 -2.83
CA CYS D 70 1.24 -8.84 -3.27
C CYS D 70 1.97 -9.49 -2.07
N ARG D 71 1.86 -8.90 -0.89
CA ARG D 71 2.51 -9.51 0.28
C ARG D 71 1.83 -10.87 0.59
N TYR D 72 0.49 -10.91 0.52
CA TYR D 72 -0.25 -12.15 0.75
C TYR D 72 0.12 -13.23 -0.29
N ARG D 73 0.26 -12.80 -1.53
CA ARG D 73 0.67 -13.65 -2.63
C ARG D 73 2.04 -14.27 -2.37
N LYS D 74 3.00 -13.44 -1.95
CA LYS D 74 4.33 -13.94 -1.64
C LYS D 74 4.28 -14.92 -0.47
N CYS D 75 3.41 -14.66 0.52
CA CYS D 75 3.22 -15.56 1.65
C CYS D 75 2.83 -16.96 1.15
N LEU D 76 1.85 -17.01 0.25
CA LEU D 76 1.37 -18.27 -0.28
C LEU D 76 2.43 -18.93 -1.16
N GLN D 77 3.11 -18.17 -1.99
CA GLN D 77 4.14 -18.74 -2.87
C GLN D 77 5.23 -19.37 -2.04
N ALA D 78 5.56 -18.76 -0.92
CA ALA D 78 6.61 -19.28 -0.05
C ALA D 78 6.17 -20.57 0.61
N GLY D 79 4.86 -20.82 0.64
CA GLY D 79 4.34 -22.08 1.13
C GLY D 79 3.63 -21.96 2.47
N MET D 80 3.33 -20.74 2.88
CA MET D 80 2.78 -20.51 4.21
C MET D 80 1.39 -21.10 4.36
N ASN D 81 1.12 -21.69 5.52
CA ASN D 81 -0.17 -22.33 5.75
C ASN D 81 -0.43 -22.58 7.23
N LEU D 82 -1.69 -22.62 7.62
CA LEU D 82 -2.04 -22.71 9.03
C LEU D 82 -1.83 -24.09 9.67
N GLU D 83 -2.11 -25.15 8.91
CA GLU D 83 -2.10 -26.53 9.42
C GLU D 83 -3.18 -26.67 10.50
#